data_9R4Q
#
_entry.id   9R4Q
#
_cell.length_a   107.099
_cell.length_b   107.099
_cell.length_c   126.544
_cell.angle_alpha   90.000
_cell.angle_beta   90.000
_cell.angle_gamma   120.000
#
_symmetry.space_group_name_H-M   'P 31 2 1'
#
loop_
_entity.id
_entity.type
_entity.pdbx_description
1 polymer 'Uncharacterized protein'
2 branched alpha-D-mannopyranose-(1-3)-alpha-D-mannopyranose-(1-6)-alpha-D-mannopyranose
3 non-polymer GLYCEROL
4 non-polymer 'FORMIC ACID'
5 water water
#
_entity_poly.entity_id   1
_entity_poly.type   'polypeptide(L)'
_entity_poly.pdbx_seq_one_letter_code
;MAGIADLTAALASADRNRVTRVEAMRRSPTTISLSTLGALSALWGILYFMTCSGRNSRGVLADASSGMLQTRQSDSESLN
STGLAQAAINGLNARFYESSNARWSSDEPWWISGVALTMVIEYMRRSGSKEYLDQVEDVIEVQRQPLSWWPSGEGEFRAD
ATDDTGWWALAMVRMYDLTGNEDYLNISIKDEAYMRQWWTDTECGGGLYVDIQDLTYKNAIANELYLKLVASLANRAPNA
TIYLDRAQQAWTWFLGSGMINGVNLINDGLARDSNTGSCYNNRLPVWTYNQGVILGALVELYHATKDESYLLSAQAIADA
VLSPSNGLTSSSGVLTETCEGSDSCNQDQQVFKGVFALNLAELGDAVAGASSDPDAGQDYREYLDTNMQSMYANDRSEIV
PTLFDSSTGDLYDVSWSGPFRNATMPKQASAIGLYVANI
;
_entity_poly.pdbx_strand_id   A
#
loop_
_chem_comp.id
_chem_comp.type
_chem_comp.name
_chem_comp.formula
FMT non-polymer 'FORMIC ACID' 'C H2 O2'
GOL non-polymer GLYCEROL 'C3 H8 O3'
MAN D-saccharide, alpha linking alpha-D-mannopyranose 'C6 H12 O6'
#
# COMPACT_ATOMS: atom_id res chain seq x y z
N SER A 78 3.13 5.83 -26.38
CA SER A 78 2.42 7.10 -26.57
C SER A 78 2.08 7.72 -25.21
N LEU A 79 2.26 6.95 -24.14
CA LEU A 79 1.98 7.40 -22.78
C LEU A 79 3.24 7.30 -21.94
N ASN A 80 3.72 8.44 -21.45
CA ASN A 80 4.86 8.48 -20.53
C ASN A 80 4.34 8.38 -19.10
N SER A 81 4.54 7.22 -18.47
CA SER A 81 4.11 7.05 -17.09
C SER A 81 4.90 7.95 -16.15
N THR A 82 6.15 8.28 -16.51
CA THR A 82 6.95 9.15 -15.64
C THR A 82 6.44 10.58 -15.68
N GLY A 83 6.13 11.09 -16.87
CA GLY A 83 5.61 12.46 -16.97
C GLY A 83 4.27 12.62 -16.28
N LEU A 84 3.39 11.62 -16.42
CA LEU A 84 2.04 11.67 -15.84
C LEU A 84 2.04 11.47 -14.34
N ALA A 85 2.99 10.69 -13.81
CA ALA A 85 3.12 10.59 -12.36
C ALA A 85 3.55 11.92 -11.76
N GLN A 86 4.57 12.56 -12.36
CA GLN A 86 5.01 13.87 -11.89
C GLN A 86 3.87 14.88 -11.99
N ALA A 87 3.04 14.79 -13.03
CA ALA A 87 1.90 15.69 -13.15
C ALA A 87 0.87 15.42 -12.05
N ALA A 88 0.62 14.15 -11.74
CA ALA A 88 -0.34 13.85 -10.68
C ALA A 88 0.22 14.21 -9.31
N ILE A 89 1.52 14.01 -9.10
CA ILE A 89 2.14 14.44 -7.85
C ILE A 89 2.03 15.95 -7.69
N ASN A 90 2.26 16.70 -8.77
CA ASN A 90 2.12 18.15 -8.69
C ASN A 90 0.68 18.57 -8.45
N GLY A 91 -0.28 17.81 -8.99
CA GLY A 91 -1.67 18.08 -8.69
C GLY A 91 -2.02 17.76 -7.26
N LEU A 92 -1.48 16.66 -6.73
CA LEU A 92 -1.63 16.36 -5.31
C LEU A 92 -1.13 17.51 -4.45
N ASN A 93 0.06 18.02 -4.76
CA ASN A 93 0.66 19.08 -3.96
C ASN A 93 -0.12 20.39 -4.10
N ALA A 94 -0.53 20.72 -5.34
CA ALA A 94 -1.14 22.02 -5.57
C ALA A 94 -2.50 22.13 -4.88
N ARG A 95 -3.19 21.02 -4.67
CA ARG A 95 -4.53 21.03 -4.10
C ARG A 95 -4.61 20.53 -2.67
N PHE A 96 -3.61 19.77 -2.19
CA PHE A 96 -3.74 19.10 -0.90
C PHE A 96 -2.54 19.25 0.03
N TYR A 97 -1.36 19.62 -0.46
CA TYR A 97 -0.22 19.76 0.43
C TYR A 97 -0.35 21.02 1.28
N GLU A 98 -0.03 20.91 2.56
CA GLU A 98 -0.08 22.04 3.49
C GLU A 98 1.33 22.30 4.00
N SER A 99 1.99 23.33 3.45
CA SER A 99 3.35 23.67 3.90
C SER A 99 3.37 23.96 5.39
N SER A 100 2.34 24.65 5.89
CA SER A 100 2.27 25.00 7.31
C SER A 100 2.30 23.76 8.21
N ASN A 101 1.82 22.62 7.74
CA ASN A 101 1.73 21.42 8.56
C ASN A 101 2.57 20.25 8.05
N ALA A 102 3.32 20.44 6.97
CA ALA A 102 4.14 19.39 6.37
C ALA A 102 3.34 18.09 6.26
N ARG A 103 2.17 18.20 5.64
CA ARG A 103 1.20 17.13 5.57
C ARG A 103 0.23 17.46 4.46
N TRP A 104 -0.36 16.42 3.86
CA TRP A 104 -1.42 16.56 2.88
C TRP A 104 -2.77 16.41 3.58
N SER A 105 -3.65 17.40 3.37
CA SER A 105 -5.05 17.29 3.76
C SER A 105 -5.23 16.83 5.21
N SER A 106 -5.15 17.76 6.15
CA SER A 106 -5.34 17.37 7.55
C SER A 106 -6.77 16.97 7.86
N ASP A 107 -7.72 17.24 6.96
CA ASP A 107 -9.09 16.77 7.13
C ASP A 107 -9.28 15.34 6.65
N GLU A 108 -8.25 14.73 6.06
CA GLU A 108 -8.24 13.34 5.64
C GLU A 108 -7.40 12.51 6.59
N PRO A 109 -7.65 11.20 6.65
CA PRO A 109 -6.95 10.35 7.63
C PRO A 109 -5.44 10.52 7.55
N TRP A 110 -4.81 10.54 8.73
CA TRP A 110 -3.36 10.72 8.79
C TRP A 110 -2.63 9.64 8.02
N TRP A 111 -3.12 8.39 8.09
CA TRP A 111 -2.38 7.31 7.46
C TRP A 111 -2.32 7.45 5.94
N ILE A 112 -3.24 8.23 5.35
CA ILE A 112 -3.25 8.37 3.90
C ILE A 112 -2.17 9.34 3.47
N SER A 113 -1.78 10.29 4.33
CA SER A 113 -0.56 11.06 4.09
C SER A 113 0.66 10.16 3.98
N GLY A 114 0.72 9.09 4.77
CA GLY A 114 1.82 8.14 4.64
C GLY A 114 1.77 7.38 3.33
N VAL A 115 0.57 6.99 2.88
CA VAL A 115 0.44 6.37 1.57
C VAL A 115 0.90 7.34 0.48
N ALA A 116 0.57 8.62 0.64
CA ALA A 116 1.01 9.61 -0.34
C ALA A 116 2.53 9.75 -0.34
N LEU A 117 3.13 9.83 0.85
CA LEU A 117 4.59 9.86 0.95
C LEU A 117 5.21 8.64 0.27
N THR A 118 4.57 7.48 0.40
CA THR A 118 5.09 6.28 -0.25
C THR A 118 5.08 6.44 -1.76
N MET A 119 4.04 7.06 -2.31
CA MET A 119 3.95 7.18 -3.76
C MET A 119 4.99 8.15 -4.28
N VAL A 120 5.15 9.29 -3.60
CA VAL A 120 6.18 10.25 -4.00
C VAL A 120 7.57 9.64 -3.85
N ILE A 121 7.82 8.91 -2.76
CA ILE A 121 9.12 8.28 -2.61
C ILE A 121 9.34 7.26 -3.71
N GLU A 122 8.31 6.50 -4.07
CA GLU A 122 8.46 5.46 -5.07
C GLU A 122 8.58 6.05 -6.48
N TYR A 123 7.89 7.17 -6.75
CA TYR A 123 8.11 7.86 -8.02
C TYR A 123 9.58 8.19 -8.20
N MET A 124 10.19 8.77 -7.16
CA MET A 124 11.58 9.18 -7.23
C MET A 124 12.50 7.98 -7.34
N ARG A 125 12.15 6.89 -6.65
CA ARG A 125 12.97 5.69 -6.69
C ARG A 125 12.95 5.03 -8.06
N ARG A 126 11.84 5.13 -8.80
CA ARG A 126 11.71 4.48 -10.11
C ARG A 126 12.06 5.40 -11.28
N SER A 127 11.98 6.72 -11.11
CA SER A 127 12.29 7.66 -12.16
C SER A 127 13.66 8.30 -12.02
N GLY A 128 14.41 7.97 -10.96
CA GLY A 128 15.74 8.50 -10.77
C GLY A 128 15.74 9.96 -10.38
N SER A 129 14.54 10.51 -10.20
CA SER A 129 14.37 11.91 -9.90
C SER A 129 14.53 12.17 -8.41
N LYS A 130 14.74 13.45 -8.06
CA LYS A 130 14.82 13.86 -6.66
C LYS A 130 14.12 15.20 -6.44
N GLU A 131 13.14 15.54 -7.28
CA GLU A 131 12.50 16.86 -7.19
C GLU A 131 11.75 17.06 -5.88
N TYR A 132 11.17 16.00 -5.32
CA TYR A 132 10.36 16.13 -4.13
C TYR A 132 11.09 15.67 -2.88
N LEU A 133 12.38 15.39 -3.00
CA LEU A 133 13.15 14.90 -1.86
C LEU A 133 13.10 15.88 -0.69
N ASP A 134 13.30 17.17 -0.96
CA ASP A 134 13.22 18.16 0.10
C ASP A 134 11.86 18.14 0.78
N GLN A 135 10.78 18.12 -0.02
CA GLN A 135 9.44 18.09 0.56
C GLN A 135 9.22 16.82 1.38
N VAL A 136 9.68 15.67 0.88
CA VAL A 136 9.51 14.42 1.62
C VAL A 136 10.18 14.49 2.98
N GLU A 137 11.42 15.00 3.02
CA GLU A 137 12.13 15.12 4.29
C GLU A 137 11.41 16.05 5.26
N ASP A 138 10.84 17.13 4.75
CA ASP A 138 10.04 18.01 5.60
C ASP A 138 8.87 17.25 6.23
N VAL A 139 8.11 16.50 5.42
CA VAL A 139 7.00 15.72 5.98
C VAL A 139 7.52 14.74 7.03
N ILE A 140 8.62 14.04 6.73
CA ILE A 140 9.12 13.04 7.66
C ILE A 140 9.44 13.68 9.00
N GLU A 141 10.18 14.80 8.99
CA GLU A 141 10.62 15.39 10.25
C GLU A 141 9.45 15.87 11.11
N VAL A 142 8.43 16.44 10.48
CA VAL A 142 7.30 16.94 11.25
C VAL A 142 6.42 15.78 11.74
N GLN A 143 6.14 14.79 10.88
CA GLN A 143 5.30 13.67 11.29
C GLN A 143 6.05 12.66 12.14
N ARG A 144 7.39 12.74 12.20
CA ARG A 144 8.17 11.99 13.19
C ARG A 144 7.69 12.23 14.60
N GLN A 145 7.35 13.48 14.92
CA GLN A 145 7.16 13.91 16.29
C GLN A 145 6.04 13.12 16.97
N PRO A 146 6.03 13.08 18.33
CA PRO A 146 4.92 12.46 19.04
C PRO A 146 3.57 12.96 18.57
N LEU A 147 2.70 12.07 18.12
CA LEU A 147 1.38 12.46 17.65
C LEU A 147 0.54 13.01 18.79
N SER A 148 -0.13 14.12 18.53
CA SER A 148 -0.95 14.77 19.56
C SER A 148 -2.08 13.86 20.03
N TRP A 149 -2.58 12.99 19.16
CA TRP A 149 -3.64 12.05 19.51
C TRP A 149 -3.12 10.71 20.02
N TRP A 150 -1.80 10.51 20.05
CA TRP A 150 -1.22 9.31 20.66
C TRP A 150 0.17 9.65 21.20
N PRO A 151 0.24 10.42 22.29
CA PRO A 151 1.55 10.73 22.88
C PRO A 151 2.29 9.51 23.37
N SER A 152 1.59 8.55 23.98
CA SER A 152 2.22 7.33 24.47
C SER A 152 3.06 6.63 23.41
N GLY A 153 2.73 6.81 22.12
CA GLY A 153 3.53 6.23 21.05
C GLY A 153 4.95 6.77 20.98
N GLU A 154 5.20 7.97 21.51
CA GLU A 154 6.52 8.61 21.53
C GLU A 154 7.04 8.89 20.13
N GLY A 155 6.14 9.24 19.20
CA GLY A 155 6.57 9.62 17.86
C GLY A 155 7.13 8.47 17.05
N GLU A 156 7.97 8.84 16.08
CA GLU A 156 8.56 7.89 15.12
C GLU A 156 7.47 7.06 14.43
N PHE A 157 6.32 7.69 14.20
CA PHE A 157 5.17 7.14 13.49
C PHE A 157 4.45 6.05 14.27
N ARG A 158 4.71 5.93 15.57
CA ARG A 158 4.02 4.93 16.38
C ARG A 158 2.70 5.52 16.86
N ALA A 159 1.59 5.08 16.25
CA ALA A 159 0.27 5.68 16.40
C ALA A 159 -0.65 4.79 17.25
N ASP A 160 -1.94 5.15 17.28
CA ASP A 160 -2.95 4.42 18.03
C ASP A 160 -3.56 3.26 17.25
N ALA A 161 -2.97 2.91 16.11
CA ALA A 161 -3.45 1.77 15.34
C ALA A 161 -2.24 1.14 14.67
N THR A 162 -2.18 -0.20 14.70
CA THR A 162 -1.01 -0.86 14.14
C THR A 162 -0.95 -0.69 12.62
N ASP A 163 -2.10 -0.50 11.96
CA ASP A 163 -2.05 -0.29 10.52
C ASP A 163 -1.60 1.12 10.18
N ASP A 164 -2.05 2.12 10.95
CA ASP A 164 -1.54 3.48 10.76
C ASP A 164 -0.01 3.49 10.83
N THR A 165 0.56 2.82 11.84
CA THR A 165 2.00 2.71 11.94
C THR A 165 2.59 1.95 10.76
N GLY A 166 1.89 0.92 10.27
CA GLY A 166 2.44 0.09 9.21
C GLY A 166 2.65 0.85 7.91
N TRP A 167 1.75 1.78 7.60
CA TRP A 167 1.86 2.52 6.34
C TRP A 167 3.09 3.41 6.36
N TRP A 168 3.31 4.12 7.46
CA TRP A 168 4.50 4.96 7.56
C TRP A 168 5.77 4.12 7.63
N ALA A 169 5.73 3.00 8.35
CA ALA A 169 6.90 2.13 8.44
C ALA A 169 7.36 1.68 7.06
N LEU A 170 6.43 1.31 6.18
CA LEU A 170 6.81 0.84 4.85
C LEU A 170 7.28 2.01 3.98
N ALA A 171 6.71 3.19 4.19
CA ALA A 171 7.22 4.38 3.54
C ALA A 171 8.68 4.64 3.95
N MET A 172 9.05 4.25 5.17
CA MET A 172 10.42 4.47 5.60
C MET A 172 11.36 3.42 5.05
N VAL A 173 10.88 2.19 4.88
CA VAL A 173 11.63 1.19 4.12
C VAL A 173 11.94 1.72 2.73
N ARG A 174 10.99 2.42 2.11
CA ARG A 174 11.24 2.97 0.77
C ARG A 174 12.16 4.19 0.83
N MET A 175 11.97 5.06 1.83
CA MET A 175 12.91 6.14 2.06
C MET A 175 14.34 5.61 2.19
N TYR A 176 14.50 4.50 2.93
CA TYR A 176 15.83 3.89 3.04
C TYR A 176 16.31 3.36 1.70
N ASP A 177 15.42 2.72 0.94
CA ASP A 177 15.78 2.19 -0.37
C ASP A 177 16.21 3.31 -1.31
N LEU A 178 15.58 4.48 -1.20
CA LEU A 178 15.91 5.59 -2.08
C LEU A 178 17.22 6.26 -1.66
N THR A 179 17.35 6.63 -0.39
CA THR A 179 18.47 7.46 0.04
C THR A 179 19.67 6.66 0.52
N GLY A 180 19.45 5.47 1.08
CA GLY A 180 20.51 4.74 1.76
C GLY A 180 20.83 5.27 3.15
N ASN A 181 20.10 6.26 3.62
CA ASN A 181 20.26 6.82 4.95
C ASN A 181 19.74 5.84 6.00
N GLU A 182 20.62 5.39 6.90
CA GLU A 182 20.24 4.43 7.92
C GLU A 182 19.20 4.98 8.90
N ASP A 183 19.08 6.31 8.99
CA ASP A 183 18.06 6.91 9.86
C ASP A 183 16.66 6.36 9.57
N TYR A 184 16.29 6.26 8.28
CA TYR A 184 14.94 5.80 7.94
C TYR A 184 14.77 4.32 8.25
N LEU A 185 15.82 3.51 8.06
CA LEU A 185 15.76 2.11 8.43
C LEU A 185 15.54 1.94 9.93
N ASN A 186 16.11 2.85 10.74
CA ASN A 186 15.92 2.76 12.19
C ASN A 186 14.48 3.01 12.58
N ILE A 187 13.79 3.91 11.86
CA ILE A 187 12.38 4.14 12.14
C ILE A 187 11.59 2.87 11.89
N SER A 188 11.87 2.18 10.78
CA SER A 188 11.17 0.94 10.45
C SER A 188 11.37 -0.11 11.52
N ILE A 189 12.58 -0.17 12.10
CA ILE A 189 12.85 -1.14 13.16
C ILE A 189 12.05 -0.79 14.41
N LYS A 190 12.03 0.48 14.80
CA LYS A 190 11.20 0.91 15.92
C LYS A 190 9.74 0.58 15.67
N ASP A 191 9.28 0.75 14.43
CA ASP A 191 7.87 0.49 14.13
C ASP A 191 7.53 -0.98 14.22
N GLU A 192 8.45 -1.86 13.79
CA GLU A 192 8.20 -3.30 13.89
C GLU A 192 8.09 -3.73 15.35
N ALA A 193 9.03 -3.30 16.18
CA ALA A 193 8.98 -3.64 17.60
C ALA A 193 7.70 -3.12 18.23
N TYR A 194 7.26 -1.92 17.82
CA TYR A 194 6.02 -1.36 18.33
C TYR A 194 4.83 -2.22 17.93
N MET A 195 4.69 -2.54 16.63
CA MET A 195 3.53 -3.30 16.21
C MET A 195 3.51 -4.69 16.82
N ARG A 196 4.69 -5.30 16.98
CA ARG A 196 4.77 -6.66 17.54
C ARG A 196 4.22 -6.70 18.95
N GLN A 197 4.11 -5.55 19.62
CA GLN A 197 3.54 -5.51 20.97
C GLN A 197 2.13 -6.08 21.00
N TRP A 198 1.41 -6.07 19.87
CA TRP A 198 0.03 -6.51 19.86
C TRP A 198 -0.16 -7.76 19.01
N TRP A 199 0.93 -8.48 18.74
CA TRP A 199 0.82 -9.85 18.25
C TRP A 199 0.58 -10.78 19.43
N THR A 200 -0.50 -11.56 19.37
CA THR A 200 -0.78 -12.55 20.42
C THR A 200 -1.02 -13.91 19.79
N ASP A 201 -0.45 -14.94 20.41
CA ASP A 201 -0.74 -16.32 20.02
C ASP A 201 -1.99 -16.86 20.70
N THR A 202 -2.55 -16.10 21.64
CA THR A 202 -3.65 -16.59 22.47
C THR A 202 -5.03 -16.41 21.81
N GLU A 203 -5.14 -15.59 20.77
CA GLU A 203 -6.37 -15.48 20.00
C GLU A 203 -6.02 -15.68 18.53
N CYS A 204 -6.79 -16.53 17.85
CA CYS A 204 -6.60 -16.91 16.46
C CYS A 204 -5.26 -17.60 16.22
N GLY A 205 -4.55 -17.97 17.28
CA GLY A 205 -3.23 -18.58 17.16
C GLY A 205 -2.18 -17.69 16.52
N GLY A 206 -2.32 -16.37 16.62
CA GLY A 206 -1.35 -15.47 16.03
C GLY A 206 -2.04 -14.23 15.51
N GLY A 207 -1.28 -13.47 14.73
CA GLY A 207 -1.75 -12.20 14.21
C GLY A 207 -1.75 -11.11 15.26
N LEU A 208 -1.83 -9.86 14.78
CA LEU A 208 -1.91 -8.73 15.69
C LEU A 208 -3.25 -8.01 15.52
N TYR A 209 -3.57 -7.18 16.51
CA TYR A 209 -4.76 -6.35 16.47
C TYR A 209 -4.47 -5.04 15.75
N VAL A 210 -5.53 -4.46 15.22
CA VAL A 210 -5.43 -3.15 14.56
C VAL A 210 -5.77 -2.02 15.53
N ASP A 211 -6.76 -2.24 16.39
CA ASP A 211 -7.26 -1.22 17.32
C ASP A 211 -6.49 -1.35 18.63
N ILE A 212 -5.41 -0.57 18.76
CA ILE A 212 -4.51 -0.67 19.90
C ILE A 212 -5.23 -0.38 21.21
N GLN A 213 -6.27 0.44 21.16
CA GLN A 213 -6.96 0.79 22.40
C GLN A 213 -7.93 -0.29 22.84
N ASP A 214 -8.61 -0.94 21.89
CA ASP A 214 -9.69 -1.87 22.19
C ASP A 214 -9.30 -3.33 22.04
N LEU A 215 -8.47 -3.70 21.06
CA LEU A 215 -8.02 -5.08 20.89
C LEU A 215 -9.20 -6.04 20.68
N THR A 216 -9.97 -5.77 19.63
CA THR A 216 -11.12 -6.59 19.30
C THR A 216 -11.16 -7.05 17.86
N TYR A 217 -10.16 -6.72 17.04
CA TYR A 217 -10.20 -7.03 15.62
C TYR A 217 -8.80 -7.34 15.12
N LYS A 218 -8.59 -8.59 14.71
CA LYS A 218 -7.41 -8.98 13.94
C LYS A 218 -7.84 -9.02 12.48
N ASN A 219 -7.48 -8.00 11.71
CA ASN A 219 -7.96 -7.84 10.34
C ASN A 219 -6.83 -8.16 9.35
N ALA A 220 -7.13 -7.96 8.06
CA ALA A 220 -6.18 -8.35 7.02
C ALA A 220 -5.08 -7.30 6.81
N ILE A 221 -5.46 -6.02 6.75
CA ILE A 221 -4.50 -5.01 6.33
C ILE A 221 -3.41 -4.84 7.38
N ALA A 222 -3.76 -4.82 8.67
CA ALA A 222 -2.73 -4.63 9.68
C ALA A 222 -1.73 -5.77 9.66
N ASN A 223 -2.20 -7.00 9.44
CA ASN A 223 -1.30 -8.13 9.40
C ASN A 223 -0.51 -8.19 8.09
N GLU A 224 -1.12 -7.79 6.97
CA GLU A 224 -0.39 -7.69 5.71
C GLU A 224 0.71 -6.64 5.82
N LEU A 225 0.40 -5.48 6.38
CA LEU A 225 1.42 -4.45 6.55
C LEU A 225 2.56 -4.96 7.42
N TYR A 226 2.22 -5.52 8.59
CA TYR A 226 3.27 -6.05 9.47
C TYR A 226 4.09 -7.12 8.75
N LEU A 227 3.45 -8.00 7.99
CA LEU A 227 4.18 -9.06 7.31
C LEU A 227 5.19 -8.49 6.33
N LYS A 228 4.81 -7.45 5.58
CA LYS A 228 5.73 -6.83 4.64
C LYS A 228 6.81 -6.04 5.37
N LEU A 229 6.55 -5.62 6.61
CA LEU A 229 7.58 -4.91 7.35
C LEU A 229 8.68 -5.86 7.81
N VAL A 230 8.32 -6.99 8.44
CA VAL A 230 9.33 -7.95 8.87
C VAL A 230 10.01 -8.60 7.67
N ALA A 231 9.27 -8.85 6.59
CA ALA A 231 9.90 -9.36 5.38
C ALA A 231 10.89 -8.35 4.81
N SER A 232 10.51 -7.06 4.82
CA SER A 232 11.41 -6.03 4.32
C SER A 232 12.68 -5.93 5.18
N LEU A 233 12.52 -5.97 6.51
CA LEU A 233 13.67 -5.89 7.40
C LEU A 233 14.58 -7.09 7.26
N ALA A 234 14.02 -8.27 6.94
CA ALA A 234 14.83 -9.46 6.73
C ALA A 234 15.85 -9.29 5.61
N ASN A 235 15.61 -8.33 4.71
CA ASN A 235 16.48 -8.04 3.57
C ASN A 235 17.33 -6.79 3.77
N ARG A 236 17.18 -6.09 4.90
CA ARG A 236 17.80 -4.78 5.08
C ARG A 236 18.38 -4.60 6.47
N ALA A 237 17.67 -5.05 7.50
CA ALA A 237 18.06 -4.76 8.87
C ALA A 237 19.25 -5.63 9.28
N PRO A 238 20.01 -5.20 10.32
CA PRO A 238 21.17 -5.97 10.75
C PRO A 238 20.86 -7.39 11.18
N ASN A 239 19.99 -7.56 12.19
CA ASN A 239 19.63 -8.90 12.68
C ASN A 239 18.56 -9.51 11.77
N ALA A 240 18.95 -9.75 10.52
CA ALA A 240 17.99 -10.21 9.52
C ALA A 240 17.36 -11.54 9.92
N THR A 241 18.08 -12.38 10.66
CA THR A 241 17.59 -13.72 10.97
C THR A 241 16.30 -13.68 11.78
N ILE A 242 16.27 -12.86 12.84
CA ILE A 242 15.06 -12.80 13.66
C ILE A 242 13.88 -12.24 12.86
N TYR A 243 14.14 -11.35 11.90
CA TYR A 243 13.07 -10.83 11.06
C TYR A 243 12.62 -11.86 10.03
N LEU A 244 13.54 -12.68 9.53
CA LEU A 244 13.15 -13.74 8.59
C LEU A 244 12.32 -14.81 9.28
N ASP A 245 12.72 -15.21 10.50
N ASP A 245 12.70 -15.20 10.51
CA ASP A 245 11.90 -16.14 11.27
CA ASP A 245 11.89 -16.14 11.27
C ASP A 245 10.52 -15.54 11.56
C ASP A 245 10.52 -15.55 11.59
N ARG A 246 10.47 -14.25 11.90
CA ARG A 246 9.18 -13.60 12.16
C ARG A 246 8.32 -13.54 10.90
N ALA A 247 8.92 -13.21 9.75
CA ALA A 247 8.15 -13.12 8.52
C ALA A 247 7.66 -14.49 8.06
N GLN A 248 8.50 -15.52 8.21
CA GLN A 248 8.07 -16.85 7.81
C GLN A 248 6.95 -17.35 8.71
N GLN A 249 7.10 -17.17 10.03
CA GLN A 249 6.01 -17.56 10.92
C GLN A 249 4.76 -16.71 10.69
N ALA A 250 4.93 -15.46 10.26
CA ALA A 250 3.76 -14.61 10.06
C ALA A 250 3.00 -15.02 8.80
N TRP A 251 3.72 -15.27 7.70
CA TRP A 251 3.05 -15.74 6.49
C TRP A 251 2.33 -17.07 6.74
N THR A 252 2.94 -17.94 7.54
CA THR A 252 2.31 -19.20 7.89
C THR A 252 0.98 -18.96 8.60
N TRP A 253 0.96 -18.05 9.58
CA TRP A 253 -0.29 -17.75 10.26
C TRP A 253 -1.33 -17.18 9.30
N PHE A 254 -0.93 -16.19 8.48
CA PHE A 254 -1.84 -15.57 7.53
C PHE A 254 -2.45 -16.61 6.60
N LEU A 255 -1.63 -17.53 6.09
CA LEU A 255 -2.12 -18.56 5.17
C LEU A 255 -3.17 -19.43 5.86
N GLY A 256 -2.87 -19.88 7.08
CA GLY A 256 -3.78 -20.75 7.81
C GLY A 256 -4.93 -20.05 8.50
N SER A 257 -4.94 -18.71 8.51
CA SER A 257 -6.00 -17.99 9.22
C SER A 257 -7.35 -18.18 8.56
N GLY A 258 -7.36 -18.45 7.25
CA GLY A 258 -8.57 -18.54 6.47
C GLY A 258 -9.00 -17.25 5.81
N MET A 259 -8.26 -16.16 6.00
CA MET A 259 -8.61 -14.91 5.34
C MET A 259 -8.46 -15.00 3.83
N ILE A 260 -7.58 -15.88 3.34
CA ILE A 260 -7.52 -16.18 1.92
C ILE A 260 -8.61 -17.19 1.63
N ASN A 261 -9.62 -16.79 0.85
CA ASN A 261 -10.84 -17.57 0.69
C ASN A 261 -10.69 -18.57 -0.46
N GLY A 262 -11.81 -19.07 -0.99
CA GLY A 262 -11.80 -20.15 -1.96
C GLY A 262 -11.35 -19.76 -3.35
N VAL A 263 -11.38 -18.47 -3.68
CA VAL A 263 -10.89 -17.98 -4.96
C VAL A 263 -9.56 -17.25 -4.80
N ASN A 264 -8.83 -17.52 -3.71
CA ASN A 264 -7.51 -16.93 -3.47
C ASN A 264 -7.56 -15.42 -3.32
N LEU A 265 -8.68 -14.90 -2.79
CA LEU A 265 -8.81 -13.49 -2.43
C LEU A 265 -8.94 -13.36 -0.91
N ILE A 266 -8.66 -12.16 -0.42
CA ILE A 266 -8.53 -11.91 1.02
C ILE A 266 -9.66 -11.00 1.45
N ASN A 267 -10.52 -11.52 2.33
CA ASN A 267 -11.58 -10.74 2.95
C ASN A 267 -10.99 -9.76 3.97
N ASP A 268 -11.86 -8.99 4.61
CA ASP A 268 -11.37 -7.86 5.40
C ASP A 268 -10.65 -8.29 6.66
N GLY A 269 -11.13 -9.32 7.34
CA GLY A 269 -10.49 -9.73 8.57
C GLY A 269 -11.04 -11.02 9.13
N LEU A 270 -10.79 -11.23 10.42
CA LEU A 270 -11.21 -12.44 11.11
C LEU A 270 -12.29 -12.14 12.14
N ALA A 271 -13.23 -13.07 12.28
CA ALA A 271 -14.20 -13.08 13.36
C ALA A 271 -13.87 -14.23 14.31
N ARG A 272 -14.41 -14.16 15.51
CA ARG A 272 -14.01 -15.10 16.55
C ARG A 272 -15.23 -15.74 17.19
N ASP A 273 -15.18 -17.07 17.36
CA ASP A 273 -16.32 -17.82 17.90
C ASP A 273 -16.61 -17.44 19.34
N SER A 274 -17.89 -17.20 19.64
CA SER A 274 -18.28 -16.81 20.99
C SER A 274 -18.04 -17.94 22.00
N ASN A 275 -18.22 -19.19 21.58
CA ASN A 275 -18.11 -20.33 22.48
C ASN A 275 -16.74 -21.01 22.41
N THR A 276 -16.25 -21.31 21.21
CA THR A 276 -15.04 -22.09 21.06
C THR A 276 -13.77 -21.24 20.98
N GLY A 277 -13.90 -19.92 20.81
CA GLY A 277 -12.75 -19.06 20.68
C GLY A 277 -11.95 -19.22 19.40
N SER A 278 -12.40 -20.06 18.48
CA SER A 278 -11.73 -20.23 17.19
C SER A 278 -12.10 -19.08 16.25
N CYS A 279 -11.17 -18.76 15.33
CA CYS A 279 -11.35 -17.65 14.42
C CYS A 279 -11.66 -18.13 13.01
N TYR A 280 -12.38 -17.29 12.26
CA TYR A 280 -12.73 -17.62 10.89
C TYR A 280 -12.85 -16.35 10.06
N ASN A 281 -12.73 -16.54 8.75
CA ASN A 281 -12.96 -15.48 7.77
C ASN A 281 -14.34 -14.85 7.98
N ASN A 282 -14.37 -13.54 8.21
CA ASN A 282 -15.63 -12.86 8.52
C ASN A 282 -16.45 -12.49 7.30
N ARG A 283 -15.99 -12.82 6.09
CA ARG A 283 -16.73 -12.61 4.84
C ARG A 283 -17.04 -11.14 4.58
N LEU A 284 -16.31 -10.23 5.21
CA LEU A 284 -16.44 -8.82 4.90
C LEU A 284 -15.83 -8.54 3.52
N PRO A 285 -16.11 -7.37 2.93
CA PRO A 285 -15.77 -7.15 1.51
C PRO A 285 -14.31 -7.45 1.18
N VAL A 286 -14.08 -7.80 -0.08
CA VAL A 286 -12.76 -8.06 -0.63
C VAL A 286 -12.24 -6.72 -1.17
N TRP A 287 -11.36 -6.08 -0.42
CA TRP A 287 -10.82 -4.78 -0.79
C TRP A 287 -9.56 -4.95 -1.62
N THR A 288 -9.33 -4.02 -2.55
CA THR A 288 -8.22 -4.17 -3.49
C THR A 288 -6.86 -4.13 -2.78
N TYR A 289 -6.70 -3.24 -1.80
CA TYR A 289 -5.39 -3.12 -1.15
C TYR A 289 -5.08 -4.32 -0.27
N ASN A 290 -6.09 -5.09 0.17
CA ASN A 290 -5.82 -6.35 0.86
C ASN A 290 -5.44 -7.47 -0.10
N GLN A 291 -5.37 -7.17 -1.40
CA GLN A 291 -4.81 -8.10 -2.37
C GLN A 291 -3.46 -7.62 -2.90
N GLY A 292 -2.97 -6.48 -2.42
CA GLY A 292 -1.74 -5.91 -2.92
C GLY A 292 -0.60 -5.97 -1.93
N VAL A 293 -0.83 -5.42 -0.73
CA VAL A 293 0.22 -5.39 0.30
C VAL A 293 0.76 -6.79 0.53
N ILE A 294 -0.10 -7.80 0.47
CA ILE A 294 0.35 -9.18 0.63
C ILE A 294 1.29 -9.58 -0.51
N LEU A 295 1.11 -9.00 -1.70
CA LEU A 295 2.01 -9.34 -2.81
C LEU A 295 3.42 -8.85 -2.54
N GLY A 296 3.54 -7.58 -2.13
CA GLY A 296 4.84 -7.04 -1.77
C GLY A 296 5.50 -7.87 -0.68
N ALA A 297 4.73 -8.32 0.30
CA ALA A 297 5.32 -9.14 1.35
C ALA A 297 5.88 -10.44 0.79
N LEU A 298 5.10 -11.12 -0.05
CA LEU A 298 5.56 -12.36 -0.65
C LEU A 298 6.76 -12.13 -1.57
N VAL A 299 6.83 -10.97 -2.21
CA VAL A 299 8.00 -10.64 -3.01
C VAL A 299 9.23 -10.56 -2.11
N GLU A 300 9.15 -9.73 -1.07
CA GLU A 300 10.26 -9.59 -0.13
C GLU A 300 10.60 -10.92 0.51
N LEU A 301 9.59 -11.73 0.82
CA LEU A 301 9.87 -13.03 1.40
C LEU A 301 10.64 -13.91 0.43
N TYR A 302 10.45 -13.71 -0.87
CA TYR A 302 11.24 -14.47 -1.85
C TYR A 302 12.66 -13.95 -1.96
N HIS A 303 12.83 -12.62 -2.01
CA HIS A 303 14.17 -12.04 -2.08
C HIS A 303 15.05 -12.42 -0.90
N ALA A 304 14.44 -12.76 0.24
CA ALA A 304 15.18 -13.22 1.41
C ALA A 304 15.41 -14.72 1.44
N THR A 305 14.68 -15.49 0.61
CA THR A 305 14.81 -16.95 0.61
C THR A 305 15.14 -17.54 -0.74
N LYS A 306 14.90 -16.82 -1.83
CA LYS A 306 14.97 -17.33 -3.20
C LYS A 306 14.05 -18.51 -3.44
N ASP A 307 13.13 -18.77 -2.51
CA ASP A 307 12.11 -19.80 -2.67
C ASP A 307 11.00 -19.24 -3.55
N GLU A 308 10.98 -19.65 -4.82
CA GLU A 308 9.97 -19.16 -5.76
C GLU A 308 8.55 -19.52 -5.32
N SER A 309 8.39 -20.41 -4.35
CA SER A 309 7.08 -20.74 -3.81
C SER A 309 6.33 -19.50 -3.30
N TYR A 310 7.07 -18.54 -2.75
CA TYR A 310 6.44 -17.29 -2.33
C TYR A 310 5.88 -16.50 -3.50
N LEU A 311 6.62 -16.45 -4.63
CA LEU A 311 6.12 -15.78 -5.82
C LEU A 311 4.86 -16.45 -6.37
N LEU A 312 4.84 -17.79 -6.38
CA LEU A 312 3.68 -18.51 -6.92
C LEU A 312 2.44 -18.24 -6.09
N SER A 313 2.59 -18.10 -4.77
CA SER A 313 1.46 -17.71 -3.93
C SER A 313 1.01 -16.30 -4.26
N ALA A 314 1.97 -15.39 -4.47
CA ALA A 314 1.62 -14.03 -4.85
C ALA A 314 0.95 -14.00 -6.21
N GLN A 315 1.41 -14.85 -7.14
CA GLN A 315 0.80 -14.88 -8.47
C GLN A 315 -0.62 -15.42 -8.43
N ALA A 316 -0.90 -16.36 -7.52
CA ALA A 316 -2.27 -16.85 -7.38
C ALA A 316 -3.21 -15.73 -6.92
N ILE A 317 -2.78 -14.91 -5.97
CA ILE A 317 -3.62 -13.81 -5.49
C ILE A 317 -3.82 -12.79 -6.59
N ALA A 318 -2.74 -12.38 -7.26
CA ALA A 318 -2.86 -11.43 -8.37
C ALA A 318 -3.72 -12.00 -9.50
N ASP A 319 -3.53 -13.28 -9.85
CA ASP A 319 -4.32 -13.85 -10.93
C ASP A 319 -5.81 -13.81 -10.61
N ALA A 320 -6.18 -13.97 -9.34
CA ALA A 320 -7.57 -13.90 -8.95
C ALA A 320 -8.13 -12.49 -9.09
N VAL A 321 -7.31 -11.47 -8.79
CA VAL A 321 -7.72 -10.09 -9.00
C VAL A 321 -7.88 -9.79 -10.48
N LEU A 322 -7.10 -10.46 -11.34
CA LEU A 322 -7.14 -10.20 -12.77
C LEU A 322 -8.32 -10.89 -13.44
N SER A 323 -8.76 -12.02 -12.92
CA SER A 323 -9.92 -12.71 -13.45
C SER A 323 -11.15 -11.84 -13.29
N PRO A 324 -11.88 -11.52 -14.36
CA PRO A 324 -13.11 -10.73 -14.21
C PRO A 324 -14.21 -11.45 -13.49
N SER A 325 -14.18 -12.79 -13.46
CA SER A 325 -15.20 -13.55 -12.76
C SER A 325 -15.25 -13.23 -11.28
N ASN A 326 -14.15 -12.74 -10.70
CA ASN A 326 -14.07 -12.44 -9.28
C ASN A 326 -14.56 -11.04 -8.93
N GLY A 327 -14.92 -10.23 -9.92
CA GLY A 327 -15.56 -8.95 -9.65
C GLY A 327 -14.65 -7.75 -9.44
N LEU A 328 -13.34 -7.96 -9.30
CA LEU A 328 -12.46 -6.79 -9.12
C LEU A 328 -12.00 -6.20 -10.44
N THR A 329 -11.98 -6.97 -11.51
CA THR A 329 -11.58 -6.50 -12.84
C THR A 329 -12.80 -6.43 -13.72
N SER A 330 -13.06 -5.25 -14.29
CA SER A 330 -14.24 -5.03 -15.10
C SER A 330 -14.13 -5.78 -16.43
N SER A 331 -15.25 -5.83 -17.16
CA SER A 331 -15.25 -6.41 -18.49
C SER A 331 -14.26 -5.68 -19.41
N SER A 332 -14.03 -4.39 -19.15
CA SER A 332 -13.02 -3.64 -19.89
C SER A 332 -11.60 -3.97 -19.44
N GLY A 333 -11.45 -4.68 -18.32
CA GLY A 333 -10.14 -4.93 -17.77
C GLY A 333 -9.65 -3.84 -16.83
N VAL A 334 -10.56 -3.14 -16.17
CA VAL A 334 -10.25 -2.00 -15.31
C VAL A 334 -10.51 -2.40 -13.87
N LEU A 335 -9.49 -2.22 -13.02
CA LEU A 335 -9.65 -2.50 -11.59
C LEU A 335 -10.73 -1.61 -11.00
N THR A 336 -11.66 -2.23 -10.28
CA THR A 336 -12.85 -1.54 -9.80
C THR A 336 -13.09 -1.91 -8.35
N GLU A 337 -12.99 -0.92 -7.46
CA GLU A 337 -13.31 -1.13 -6.06
C GLU A 337 -14.76 -1.53 -5.91
N THR A 338 -15.03 -2.36 -4.90
CA THR A 338 -16.37 -2.91 -4.75
C THR A 338 -17.40 -1.83 -4.47
N CYS A 339 -16.98 -0.67 -3.97
CA CYS A 339 -17.85 0.43 -3.62
C CYS A 339 -18.12 1.37 -4.78
N GLU A 340 -17.39 1.24 -5.89
CA GLU A 340 -17.52 2.19 -6.99
C GLU A 340 -18.91 2.14 -7.61
N GLY A 341 -19.51 0.95 -7.67
CA GLY A 341 -20.82 0.83 -8.29
C GLY A 341 -21.88 1.68 -7.60
N SER A 342 -21.94 1.60 -6.28
CA SER A 342 -22.90 2.39 -5.50
C SER A 342 -22.42 3.80 -5.21
N ASP A 343 -21.23 4.18 -5.70
CA ASP A 343 -20.62 5.47 -5.41
C ASP A 343 -20.62 5.76 -3.90
N SER A 344 -20.21 4.74 -3.14
CA SER A 344 -20.12 4.85 -1.70
C SER A 344 -18.69 4.71 -1.20
N CYS A 345 -17.69 4.88 -2.08
CA CYS A 345 -16.30 4.75 -1.67
C CYS A 345 -15.92 5.88 -0.72
N ASN A 346 -15.64 5.54 0.53
CA ASN A 346 -15.27 6.53 1.53
C ASN A 346 -13.79 6.92 1.42
N GLN A 347 -13.36 7.82 2.33
CA GLN A 347 -12.02 8.39 2.24
C GLN A 347 -10.95 7.31 2.30
N ASP A 348 -11.16 6.26 3.09
CA ASP A 348 -10.25 5.13 3.08
C ASP A 348 -10.25 4.44 1.72
N GLN A 349 -11.44 4.00 1.29
CA GLN A 349 -11.57 3.15 0.10
C GLN A 349 -11.16 3.87 -1.19
N GLN A 350 -11.16 5.21 -1.19
CA GLN A 350 -10.74 5.95 -2.37
C GLN A 350 -9.28 5.73 -2.72
N VAL A 351 -8.45 5.29 -1.75
CA VAL A 351 -7.01 5.14 -1.98
C VAL A 351 -6.60 3.70 -2.23
N PHE A 352 -7.51 2.74 -2.05
CA PHE A 352 -7.13 1.32 -2.03
C PHE A 352 -6.44 0.90 -3.35
N LYS A 353 -6.99 1.32 -4.49
CA LYS A 353 -6.58 0.75 -5.77
C LYS A 353 -5.10 0.97 -6.05
N GLY A 354 -4.62 2.21 -5.89
CA GLY A 354 -3.23 2.51 -6.19
C GLY A 354 -2.25 1.73 -5.34
N VAL A 355 -2.61 1.42 -4.10
CA VAL A 355 -1.74 0.58 -3.28
C VAL A 355 -1.59 -0.80 -3.89
N PHE A 356 -2.68 -1.34 -4.46
CA PHE A 356 -2.59 -2.63 -5.14
C PHE A 356 -1.71 -2.55 -6.38
N ALA A 357 -1.94 -1.52 -7.21
CA ALA A 357 -1.18 -1.39 -8.45
C ALA A 357 0.31 -1.34 -8.19
N LEU A 358 0.73 -0.50 -7.24
CA LEU A 358 2.14 -0.40 -6.89
C LEU A 358 2.67 -1.76 -6.44
N ASN A 359 1.91 -2.46 -5.61
CA ASN A 359 2.36 -3.77 -5.16
C ASN A 359 2.37 -4.79 -6.30
N LEU A 360 1.43 -4.70 -7.24
CA LEU A 360 1.44 -5.61 -8.38
C LEU A 360 2.65 -5.37 -9.26
N ALA A 361 3.06 -4.11 -9.42
CA ALA A 361 4.28 -3.80 -10.16
C ALA A 361 5.51 -4.40 -9.48
N GLU A 362 5.51 -4.48 -8.15
CA GLU A 362 6.61 -5.14 -7.46
C GLU A 362 6.61 -6.63 -7.73
N LEU A 363 5.43 -7.24 -7.79
CA LEU A 363 5.32 -8.65 -8.16
C LEU A 363 5.80 -8.87 -9.59
N GLY A 364 5.29 -8.08 -10.54
CA GLY A 364 5.70 -8.25 -11.92
C GLY A 364 7.20 -8.11 -12.11
N ASP A 365 7.82 -7.13 -11.44
CA ASP A 365 9.26 -6.99 -11.50
C ASP A 365 9.97 -8.22 -10.95
N ALA A 366 9.50 -8.76 -9.82
CA ALA A 366 10.14 -9.94 -9.25
C ALA A 366 9.99 -11.16 -10.16
N VAL A 367 8.79 -11.35 -10.75
CA VAL A 367 8.54 -12.54 -11.57
C VAL A 367 9.42 -12.52 -12.82
N ALA A 368 9.63 -11.34 -13.42
CA ALA A 368 10.43 -11.28 -14.64
C ALA A 368 11.91 -11.50 -14.37
N GLY A 369 12.38 -11.14 -13.17
CA GLY A 369 13.77 -11.35 -12.84
C GLY A 369 14.10 -12.78 -12.46
N ALA A 370 13.14 -13.47 -11.85
CA ALA A 370 13.34 -14.85 -11.43
C ALA A 370 13.27 -15.85 -12.57
N SER A 371 12.83 -15.42 -13.75
CA SER A 371 12.66 -16.29 -14.90
C SER A 371 13.31 -15.66 -16.12
N SER A 372 13.83 -16.51 -17.01
CA SER A 372 14.46 -16.05 -18.23
C SER A 372 13.45 -15.73 -19.33
N ASP A 373 12.24 -16.28 -19.25
CA ASP A 373 11.20 -16.06 -20.24
C ASP A 373 10.93 -14.56 -20.39
N PRO A 374 11.04 -14.00 -21.60
CA PRO A 374 10.74 -12.57 -21.78
C PRO A 374 9.30 -12.21 -21.44
N ASP A 375 8.37 -13.15 -21.60
CA ASP A 375 6.96 -12.90 -21.30
C ASP A 375 6.64 -13.02 -19.82
N ALA A 376 7.63 -13.28 -18.97
CA ALA A 376 7.37 -13.36 -17.53
C ALA A 376 6.86 -12.02 -17.01
N GLY A 377 5.72 -12.05 -16.31
CA GLY A 377 5.11 -10.83 -15.84
C GLY A 377 4.47 -9.98 -16.89
N GLN A 378 4.29 -10.50 -18.11
CA GLN A 378 3.67 -9.71 -19.17
C GLN A 378 2.21 -9.39 -18.85
N ASP A 379 1.50 -10.33 -18.21
CA ASP A 379 0.09 -10.08 -17.89
C ASP A 379 -0.04 -8.97 -16.87
N TYR A 380 0.83 -8.97 -15.85
CA TYR A 380 0.76 -7.94 -14.81
C TYR A 380 1.14 -6.57 -15.36
N ARG A 381 2.12 -6.52 -16.26
CA ARG A 381 2.47 -5.28 -16.95
C ARG A 381 1.33 -4.81 -17.84
N GLU A 382 0.76 -5.74 -18.63
CA GLU A 382 -0.35 -5.40 -19.50
C GLU A 382 -1.52 -4.83 -18.71
N TYR A 383 -1.82 -5.44 -17.56
CA TYR A 383 -2.94 -4.97 -16.73
C TYR A 383 -2.71 -3.53 -16.28
N LEU A 384 -1.52 -3.24 -15.75
CA LEU A 384 -1.20 -1.89 -15.31
C LEU A 384 -1.26 -0.90 -16.46
N ASP A 385 -0.84 -1.32 -17.65
CA ASP A 385 -0.93 -0.47 -18.83
C ASP A 385 -2.39 -0.25 -19.26
N THR A 386 -3.18 -1.34 -19.30
CA THR A 386 -4.60 -1.19 -19.63
C THR A 386 -5.31 -0.27 -18.65
N ASN A 387 -4.98 -0.38 -17.36
CA ASN A 387 -5.63 0.46 -16.37
C ASN A 387 -5.13 1.91 -16.44
N MET A 388 -3.88 2.12 -16.88
CA MET A 388 -3.37 3.48 -16.89
C MET A 388 -4.02 4.29 -18.01
N GLN A 389 -4.17 3.69 -19.19
CA GLN A 389 -4.81 4.39 -20.30
C GLN A 389 -6.27 4.71 -20.00
N SER A 390 -6.96 3.81 -19.31
CA SER A 390 -8.35 4.08 -18.97
C SER A 390 -8.45 5.23 -17.97
N MET A 391 -7.60 5.23 -16.96
CA MET A 391 -7.60 6.31 -15.97
C MET A 391 -7.21 7.64 -16.61
N TYR A 392 -6.31 7.62 -17.58
CA TYR A 392 -5.94 8.85 -18.28
C TYR A 392 -7.11 9.39 -19.11
N ALA A 393 -7.69 8.55 -19.97
CA ALA A 393 -8.71 9.04 -20.90
C ALA A 393 -9.97 9.48 -20.19
N ASN A 394 -10.43 8.72 -19.18
CA ASN A 394 -11.76 8.90 -18.63
C ASN A 394 -11.79 9.49 -17.23
N ASP A 395 -10.69 9.44 -16.49
CA ASP A 395 -10.69 9.87 -15.10
C ASP A 395 -9.86 11.12 -14.85
N ARG A 396 -9.22 11.69 -15.88
CA ARG A 396 -8.30 12.79 -15.68
C ARG A 396 -9.00 14.15 -15.76
N SER A 397 -8.51 15.09 -14.95
CA SER A 397 -8.80 16.51 -15.11
C SER A 397 -7.52 17.30 -14.84
N GLU A 398 -7.40 18.47 -15.49
CA GLU A 398 -6.25 19.35 -15.33
C GLU A 398 -6.64 20.54 -14.45
N ILE A 399 -5.63 21.18 -13.84
CA ILE A 399 -5.88 22.34 -12.99
C ILE A 399 -5.87 23.60 -13.85
N VAL A 400 -6.71 24.56 -13.45
CA VAL A 400 -6.81 25.86 -14.11
C VAL A 400 -5.66 26.75 -13.62
N PRO A 401 -4.73 27.11 -14.50
CA PRO A 401 -3.68 28.04 -14.09
C PRO A 401 -4.21 29.46 -14.11
N THR A 402 -3.57 30.30 -13.28
CA THR A 402 -3.97 31.68 -13.10
C THR A 402 -2.78 32.59 -13.31
N LEU A 403 -3.06 33.89 -13.39
CA LEU A 403 -1.98 34.88 -13.42
C LEU A 403 -1.17 34.88 -12.13
N PHE A 404 -1.73 34.34 -11.05
CA PHE A 404 -1.08 34.29 -9.75
C PHE A 404 -0.53 32.91 -9.41
N ASP A 405 -1.29 31.86 -9.70
CA ASP A 405 -0.86 30.48 -9.46
C ASP A 405 -0.61 29.84 -10.81
N SER A 406 0.68 29.64 -11.14
CA SER A 406 1.09 28.92 -12.34
C SER A 406 1.27 27.42 -12.09
N SER A 407 0.60 26.88 -11.08
CA SER A 407 0.72 25.47 -10.77
C SER A 407 0.02 24.63 -11.83
N THR A 408 0.68 23.55 -12.25
CA THR A 408 0.17 22.67 -13.29
C THR A 408 0.19 21.23 -12.80
N GLY A 409 -0.59 20.39 -13.46
CA GLY A 409 -0.61 18.97 -13.14
C GLY A 409 -1.91 18.31 -13.59
N ASP A 410 -2.31 17.29 -12.84
CA ASP A 410 -3.47 16.49 -13.16
C ASP A 410 -4.21 16.10 -11.89
N LEU A 411 -5.54 16.03 -11.99
CA LEU A 411 -6.40 15.58 -10.90
C LEU A 411 -7.14 14.31 -11.33
N TYR A 412 -7.55 13.50 -10.36
CA TYR A 412 -8.20 12.23 -10.68
C TYR A 412 -9.29 11.90 -9.66
N ASP A 413 -10.30 11.16 -10.12
CA ASP A 413 -11.41 10.71 -9.30
C ASP A 413 -11.22 9.24 -8.90
N VAL A 414 -12.21 8.67 -8.24
CA VAL A 414 -12.04 7.31 -7.69
C VAL A 414 -12.13 6.26 -8.78
N SER A 415 -13.03 6.44 -9.75
CA SER A 415 -13.29 5.39 -10.75
C SER A 415 -12.29 5.51 -11.88
N TRP A 416 -11.43 4.50 -12.02
CA TRP A 416 -10.43 4.51 -13.09
C TRP A 416 -11.06 4.34 -14.47
N SER A 417 -12.36 4.12 -14.55
CA SER A 417 -13.09 4.20 -15.80
C SER A 417 -14.20 5.23 -15.76
N GLY A 418 -14.87 5.40 -14.63
CA GLY A 418 -15.97 6.33 -14.51
C GLY A 418 -15.53 7.75 -14.74
N PRO A 419 -16.49 8.68 -14.71
CA PRO A 419 -16.18 10.07 -15.05
C PRO A 419 -15.46 10.77 -13.90
N PHE A 420 -14.65 11.75 -14.26
CA PHE A 420 -14.12 12.65 -13.24
C PHE A 420 -15.25 13.56 -12.79
N ARG A 421 -15.49 13.60 -11.47
CA ARG A 421 -16.42 14.54 -10.87
C ARG A 421 -15.72 15.41 -9.84
N ASN A 422 -15.14 14.82 -8.80
CA ASN A 422 -14.35 15.55 -7.83
C ASN A 422 -12.97 14.92 -7.71
N ALA A 423 -12.07 15.61 -7.01
CA ALA A 423 -10.77 15.06 -6.66
C ALA A 423 -10.60 15.18 -5.16
N THR A 424 -10.22 14.07 -4.52
CA THR A 424 -9.81 14.09 -3.13
C THR A 424 -8.37 13.60 -3.02
N MET A 425 -7.73 13.91 -1.89
CA MET A 425 -6.35 13.48 -1.69
C MET A 425 -6.22 11.96 -1.72
N PRO A 426 -7.09 11.16 -1.06
CA PRO A 426 -7.02 9.70 -1.27
C PRO A 426 -7.20 9.27 -2.72
N LYS A 427 -8.14 9.87 -3.44
CA LYS A 427 -8.26 9.56 -4.86
C LYS A 427 -6.99 9.93 -5.62
N GLN A 428 -6.38 11.06 -5.25
CA GLN A 428 -5.16 11.50 -5.93
C GLN A 428 -4.00 10.57 -5.65
N ALA A 429 -3.82 10.16 -4.38
CA ALA A 429 -2.72 9.27 -4.05
C ALA A 429 -2.84 7.94 -4.79
N SER A 430 -4.07 7.47 -5.01
CA SER A 430 -4.25 6.21 -5.71
C SER A 430 -3.93 6.34 -7.19
N ALA A 431 -4.24 7.50 -7.78
CA ALA A 431 -3.88 7.74 -9.18
C ALA A 431 -2.37 7.78 -9.36
N ILE A 432 -1.67 8.51 -8.49
CA ILE A 432 -0.20 8.55 -8.53
C ILE A 432 0.37 7.14 -8.49
N GLY A 433 -0.25 6.27 -7.69
CA GLY A 433 0.25 4.91 -7.55
C GLY A 433 0.22 4.12 -8.84
N LEU A 434 -0.83 4.31 -9.65
CA LEU A 434 -0.94 3.56 -10.89
C LEU A 434 0.11 4.01 -11.90
N TYR A 435 0.27 5.32 -12.07
CA TYR A 435 1.32 5.83 -12.94
C TYR A 435 2.70 5.35 -12.49
N VAL A 436 2.97 5.41 -11.18
CA VAL A 436 4.27 4.97 -10.67
C VAL A 436 4.44 3.47 -10.89
N ALA A 437 3.35 2.70 -10.81
CA ALA A 437 3.40 1.27 -11.08
C ALA A 437 3.78 0.94 -12.53
N ASN A 438 3.72 1.93 -13.44
CA ASN A 438 4.04 1.74 -14.84
C ASN A 438 5.35 2.39 -15.25
N ILE A 439 6.07 3.00 -14.31
CA ILE A 439 7.40 3.57 -14.57
C ILE A 439 8.42 2.44 -14.65
C1 MAN B . -17.18 -3.93 16.60
C2 MAN B . -18.05 -3.27 15.48
C3 MAN B . -17.19 -2.51 14.41
C4 MAN B . -15.78 -3.11 14.27
C5 MAN B . -15.87 -4.58 14.72
C6 MAN B . -14.70 -5.44 14.32
O1 MAN B . -18.03 -4.82 17.29
O2 MAN B . -18.98 -2.32 16.01
O3 MAN B . -17.12 -1.11 14.64
O4 MAN B . -15.32 -3.02 12.92
O5 MAN B . -16.00 -4.57 16.15
O6 MAN B . -15.00 -5.89 13.00
C1 MAN B . -15.41 -7.28 13.03
C2 MAN B . -16.47 -7.51 11.92
C3 MAN B . -17.65 -8.45 12.34
C4 MAN B . -17.26 -9.53 13.44
C5 MAN B . -16.19 -9.03 14.44
C6 MAN B . -14.86 -9.78 14.33
O2 MAN B . -15.86 -8.17 10.81
O3 MAN B . -18.25 -9.06 11.14
O4 MAN B . -18.40 -9.89 14.22
O5 MAN B . -15.94 -7.63 14.28
O6 MAN B . -14.62 -10.12 12.96
C1 MAN B . -19.19 -10.13 11.37
C2 MAN B . -18.86 -11.35 10.43
C3 MAN B . -20.10 -11.77 9.65
C4 MAN B . -20.77 -10.58 8.91
C5 MAN B . -20.82 -9.30 9.80
C6 MAN B . -22.20 -8.71 9.87
O2 MAN B . -18.56 -12.52 11.18
O3 MAN B . -21.02 -12.45 10.51
O4 MAN B . -20.09 -10.30 7.68
O5 MAN B . -20.50 -9.66 11.14
O6 MAN B . -22.94 -9.52 10.78
C1 GOL C . -12.88 15.86 5.05
O1 GOL C . -13.07 15.20 6.27
C2 GOL C . -13.85 15.23 4.02
O2 GOL C . -14.62 14.21 4.58
C3 GOL C . -12.93 14.75 2.87
O3 GOL C . -13.75 14.03 1.97
C1 GOL D . -9.87 -12.02 18.15
O1 GOL D . -10.32 -11.95 19.47
C2 GOL D . -10.96 -11.40 17.21
O2 GOL D . -11.42 -10.18 17.67
C3 GOL D . -10.28 -11.30 15.79
O3 GOL D . -11.00 -10.39 15.01
C FMT E . 3.04 -0.34 0.89
O1 FMT E . 4.03 0.31 1.24
O2 FMT E . 3.07 -1.33 0.14
#